data_9OB5
#
_entry.id   9OB5
#
_cell.length_a   101.570
_cell.length_b   101.570
_cell.length_c   151.480
_cell.angle_alpha   90.000
_cell.angle_beta   90.000
_cell.angle_gamma   90.000
#
_symmetry.space_group_name_H-M   'P 41 21 2'
#
loop_
_entity.id
_entity.type
_entity.pdbx_description
1 polymer 'Cyclin-dependent kinase 2'
2 polymer 'G1/S-specific cyclin-E1'
3 non-polymer '(1R,3R)-3-{3-[3-(pyridin-3-yl)propanamido]-1H-pyrazol-5-yl}cyclopentyl (1-methylcyclopropyl)carbamate'
4 water water
#
loop_
_entity_poly.entity_id
_entity_poly.type
_entity_poly.pdbx_seq_one_letter_code
_entity_poly.pdbx_strand_id
1 'polypeptide(L)'
;SHMMENFQKVEKIGEGTYGVVYKARNKLTGEVVALKKIRLDTETEGVPSTAIREISLLKELNHPNIVKLLDVIHTENKLY
LVFEFLHQDLKKFMDASALTGIPLPLIKSYLFQLLQGLAFCHSHRVLHRDLKPQNLLINTEGAIKLADFGLARAFGVPVR
TY(TPO)HEVVTLWYRAPEILLGCKYYSTAVDIWSLGCIFAEMVTRRALFPGDSEIDQLFRIFRTLGTPDEVVWPGVTSM
PDYKPSFPKWARQDFSKVVPPLDEDGRSLLSQMLHYDPNKRISAKAALAHPFFQDVTKPVPHLRL
;
A
2 'polypeptide(L)'
;GSIIAPSRGSPLPVLSWANREEVWKIMLNKEKTYLRDQHFLEQHPLLQPKMRAILLDWLMEVCEVYKLHRETFYLAQDFF
DRYMATQENVVKTLLQLIGISSLFIAAKLEEIYPPKLHQFAYVTDGACSGDEILTMELMIMKALKWRLSPLTIVSWLNVY
MQVAYLNDLHEVLLPQYPQQIFIQIAELLDLCVLDVDCLEFPYGILAASALYHFSSSELMQKVSGYQWCDIENCVKWMVP
FAMVIRETGSSKLKHFRGVADEDAHNIQTHRDSLDLLDKARAKKA
;
B
#
loop_
_chem_comp.id
_chem_comp.type
_chem_comp.name
_chem_comp.formula
A1CAG non-polymer '(1R,3R)-3-{3-[3-(pyridin-3-yl)propanamido]-1H-pyrazol-5-yl}cyclopentyl (1-methylcyclopropyl)carbamate' 'C21 H27 N5 O3'
#
# COMPACT_ATOMS: atom_id res chain seq x y z
N MET A 4 -11.56 20.83 -18.71
CA MET A 4 -10.23 20.36 -19.13
C MET A 4 -9.66 21.28 -20.20
N GLU A 5 -9.87 22.58 -20.03
CA GLU A 5 -9.41 23.58 -20.98
C GLU A 5 -8.20 24.31 -20.40
N ASN A 6 -7.81 25.42 -21.05
CA ASN A 6 -6.72 26.29 -20.62
C ASN A 6 -5.38 25.57 -20.63
N PHE A 7 -5.36 24.29 -20.98
CA PHE A 7 -4.13 23.51 -21.07
C PHE A 7 -3.84 23.19 -22.53
N GLN A 8 -2.63 23.52 -22.97
CA GLN A 8 -2.21 23.32 -24.35
C GLN A 8 -1.03 22.35 -24.37
N LYS A 9 -1.20 21.23 -25.07
CA LYS A 9 -0.13 20.24 -25.16
C LYS A 9 1.06 20.83 -25.91
N VAL A 10 2.25 20.63 -25.36
CA VAL A 10 3.47 21.20 -25.90
C VAL A 10 4.39 20.14 -26.49
N GLU A 11 4.54 19.01 -25.80
CA GLU A 11 5.44 17.97 -26.25
C GLU A 11 5.06 16.65 -25.60
N LYS A 12 5.11 15.57 -26.37
CA LYS A 12 4.87 14.25 -25.83
C LYS A 12 6.09 13.78 -25.04
N ILE A 13 5.87 13.38 -23.79
CA ILE A 13 6.97 12.91 -22.94
C ILE A 13 7.27 11.44 -23.19
N GLY A 14 6.24 10.62 -23.33
N GLY A 14 6.23 10.63 -23.38
CA GLY A 14 6.42 9.19 -23.50
CA GLY A 14 6.44 9.24 -23.72
C GLY A 14 5.10 8.47 -23.42
C GLY A 14 5.19 8.42 -23.46
N GLU A 15 5.19 7.14 -23.49
N GLU A 15 5.21 7.21 -24.00
CA GLU A 15 4.00 6.30 -23.48
CA GLU A 15 4.14 6.24 -23.74
C GLU A 15 4.22 5.11 -22.58
C GLU A 15 4.77 4.93 -23.27
N GLY A 16 3.21 4.80 -21.75
N GLY A 16 4.31 4.44 -22.13
CA GLY A 16 3.20 3.62 -20.94
CA GLY A 16 4.83 3.18 -21.63
C GLY A 16 2.14 2.62 -21.37
C GLY A 16 3.83 2.51 -20.71
N THR A 17 1.83 1.69 -20.47
N THR A 17 4.35 1.78 -19.71
CA THR A 17 0.83 0.68 -20.77
CA THR A 17 3.48 1.11 -18.75
C THR A 17 -0.56 1.29 -20.86
C THR A 17 2.65 2.12 -17.97
N TYR A 18 -1.03 1.89 -19.75
N TYR A 18 3.18 3.32 -17.76
CA TYR A 18 -2.35 2.49 -19.72
CA TYR A 18 2.41 4.37 -17.09
C TYR A 18 -2.34 3.98 -20.01
C TYR A 18 1.19 4.77 -17.90
N GLY A 19 -1.24 4.67 -19.73
N GLY A 19 1.36 4.93 -19.21
CA GLY A 19 -1.19 6.12 -19.82
CA GLY A 19 0.29 5.51 -20.02
C GLY A 19 -0.18 6.61 -20.82
C GLY A 19 0.82 6.48 -21.06
N VAL A 20 -0.54 7.66 -21.56
N VAL A 20 -0.02 7.40 -21.52
CA VAL A 20 0.37 8.41 -22.41
CA VAL A 20 0.39 8.42 -22.48
C VAL A 20 0.59 9.77 -21.76
C VAL A 20 0.61 9.71 -21.70
N VAL A 21 1.86 10.14 -21.60
CA VAL A 21 2.24 11.34 -20.86
C VAL A 21 2.57 12.45 -21.84
N TYR A 22 1.92 13.60 -21.67
CA TYR A 22 2.21 14.79 -22.45
C TYR A 22 2.70 15.90 -21.53
N LYS A 23 3.43 16.85 -22.13
CA LYS A 23 3.81 18.09 -21.44
C LYS A 23 2.86 19.18 -21.88
N ALA A 24 2.11 19.74 -20.94
CA ALA A 24 1.14 20.79 -21.21
C ALA A 24 1.58 22.10 -20.57
N ARG A 25 1.01 23.19 -21.06
CA ARG A 25 1.33 24.53 -20.55
C ARG A 25 0.05 25.32 -20.39
N ASN A 26 -0.18 25.85 -19.19
CA ASN A 26 -1.30 26.76 -18.96
C ASN A 26 -1.07 28.05 -19.74
N LYS A 27 -2.04 28.42 -20.59
CA LYS A 27 -1.85 29.58 -21.45
C LYS A 27 -1.92 30.89 -20.67
N LEU A 28 -2.77 30.95 -19.65
CA LEU A 28 -2.90 32.19 -18.87
C LEU A 28 -1.74 32.35 -17.89
N THR A 29 -1.59 31.41 -16.98
CA THR A 29 -0.60 31.51 -15.91
C THR A 29 0.82 31.17 -16.36
N GLY A 30 0.99 30.59 -17.55
CA GLY A 30 2.29 30.12 -17.98
C GLY A 30 2.76 28.86 -17.28
N GLU A 31 1.93 28.26 -16.42
CA GLU A 31 2.33 27.08 -15.68
C GLU A 31 2.37 25.85 -16.60
N VAL A 32 3.39 25.02 -16.41
CA VAL A 32 3.56 23.79 -17.17
C VAL A 32 3.31 22.62 -16.24
N VAL A 33 2.63 21.60 -16.75
CA VAL A 33 2.33 20.38 -16.01
C VAL A 33 2.60 19.18 -16.92
N ALA A 34 2.47 17.99 -16.34
CA ALA A 34 2.56 16.74 -17.08
C ALA A 34 1.20 16.05 -17.04
N LEU A 35 0.68 15.70 -18.21
CA LEU A 35 -0.65 15.10 -18.34
C LEU A 35 -0.52 13.63 -18.70
N LYS A 36 -0.97 12.76 -17.81
CA LYS A 36 -1.12 11.35 -18.12
C LYS A 36 -2.54 11.08 -18.57
N LYS A 37 -2.72 10.69 -19.83
CA LYS A 37 -4.03 10.49 -20.43
C LYS A 37 -4.39 9.01 -20.41
N ILE A 38 -5.62 8.71 -19.98
CA ILE A 38 -6.11 7.33 -19.89
C ILE A 38 -7.40 7.25 -20.70
N ARG A 39 -7.34 6.52 -21.81
CA ARG A 39 -8.51 6.33 -22.67
C ARG A 39 -9.40 5.27 -22.03
N LEU A 40 -10.56 5.69 -21.50
CA LEU A 40 -11.40 4.76 -20.76
C LEU A 40 -12.22 3.87 -21.69
N ASP A 41 -12.50 4.33 -22.91
CA ASP A 41 -13.27 3.53 -23.86
C ASP A 41 -12.54 2.27 -24.29
N THR A 42 -11.21 2.22 -24.14
CA THR A 42 -10.42 1.06 -24.49
C THR A 42 -10.13 0.16 -23.29
N GLU A 43 -10.66 0.49 -22.11
CA GLU A 43 -10.43 -0.27 -20.89
C GLU A 43 -11.71 -1.02 -20.56
N THR A 44 -11.72 -2.34 -20.83
CA THR A 44 -12.89 -3.15 -20.52
C THR A 44 -13.13 -3.23 -19.01
N GLU A 45 -12.08 -3.14 -18.21
CA GLU A 45 -12.20 -3.23 -16.76
C GLU A 45 -12.32 -1.87 -16.09
N GLY A 46 -12.74 -0.84 -16.83
CA GLY A 46 -12.87 0.47 -16.25
C GLY A 46 -11.52 1.11 -15.96
N VAL A 47 -11.49 1.95 -14.94
CA VAL A 47 -10.23 2.60 -14.55
C VAL A 47 -9.23 1.52 -14.15
N PRO A 48 -8.02 1.52 -14.71
CA PRO A 48 -7.06 0.45 -14.41
C PRO A 48 -6.71 0.42 -12.92
N SER A 49 -6.45 -0.79 -12.42
CA SER A 49 -6.09 -0.95 -11.02
C SER A 49 -4.84 -0.18 -10.66
N THR A 50 -3.88 -0.12 -11.58
CA THR A 50 -2.68 0.67 -11.35
C THR A 50 -2.99 2.16 -11.31
N ALA A 51 -4.03 2.61 -12.02
CA ALA A 51 -4.42 4.01 -11.99
C ALA A 51 -5.12 4.36 -10.67
N ILE A 52 -6.01 3.48 -10.20
CA ILE A 52 -6.72 3.74 -8.95
C ILE A 52 -5.75 3.74 -7.78
N ARG A 53 -4.75 2.84 -7.80
CA ARG A 53 -3.77 2.78 -6.73
C ARG A 53 -2.93 4.05 -6.69
N GLU A 54 -2.36 4.44 -7.83
CA GLU A 54 -1.45 5.58 -7.86
C GLU A 54 -2.15 6.87 -7.45
N ILE A 55 -3.39 7.07 -7.90
CA ILE A 55 -4.12 8.29 -7.56
C ILE A 55 -4.35 8.37 -6.05
N SER A 56 -4.86 7.29 -5.46
CA SER A 56 -5.17 7.30 -4.04
C SER A 56 -3.91 7.44 -3.19
N LEU A 57 -2.83 6.77 -3.60
CA LEU A 57 -1.58 6.87 -2.84
C LEU A 57 -0.98 8.25 -2.93
N LEU A 58 -0.96 8.85 -4.13
CA LEU A 58 -0.32 10.15 -4.30
C LEU A 58 -1.15 11.27 -3.69
N LYS A 59 -2.46 11.10 -3.56
CA LYS A 59 -3.28 12.10 -2.89
C LYS A 59 -3.05 12.13 -1.39
N GLU A 60 -2.31 11.17 -0.84
CA GLU A 60 -1.92 11.17 0.57
C GLU A 60 -0.42 11.14 0.76
N LEU A 61 0.36 11.27 -0.32
CA LEU A 61 1.82 11.31 -0.21
C LEU A 61 2.34 12.65 -0.71
N ASN A 62 1.99 13.73 -0.04
CA ASN A 62 2.46 15.07 -0.40
C ASN A 62 3.81 15.29 0.30
N HIS A 63 4.87 15.40 -0.51
CA HIS A 63 6.23 15.54 0.01
C HIS A 63 7.07 16.27 -1.02
N PRO A 64 8.04 17.07 -0.58
CA PRO A 64 8.86 17.83 -1.55
C PRO A 64 9.67 16.94 -2.50
N ASN A 65 9.93 15.69 -2.15
CA ASN A 65 10.70 14.80 -3.01
C ASN A 65 9.84 13.73 -3.67
N ILE A 66 8.54 13.98 -3.81
CA ILE A 66 7.64 13.09 -4.53
C ILE A 66 6.90 13.92 -5.56
N VAL A 67 6.88 13.46 -6.81
CA VAL A 67 6.21 14.20 -7.87
C VAL A 67 4.72 14.29 -7.54
N LYS A 68 4.21 15.51 -7.44
CA LYS A 68 2.87 15.74 -6.93
C LYS A 68 1.81 15.45 -7.99
N LEU A 69 0.73 14.83 -7.55
CA LEU A 69 -0.49 14.73 -8.34
C LEU A 69 -1.36 15.95 -8.04
N LEU A 70 -1.63 16.75 -9.07
CA LEU A 70 -2.33 18.02 -8.87
C LEU A 70 -3.84 17.89 -9.01
N ASP A 71 -4.32 17.12 -9.97
CA ASP A 71 -5.76 17.02 -10.20
C ASP A 71 -6.04 15.74 -10.99
N VAL A 72 -7.29 15.28 -10.89
CA VAL A 72 -7.77 14.13 -11.65
C VAL A 72 -9.06 14.58 -12.33
N ILE A 73 -8.97 14.88 -13.63
CA ILE A 73 -10.10 15.37 -14.40
C ILE A 73 -10.63 14.23 -15.28
N HIS A 74 -11.95 14.03 -15.25
CA HIS A 74 -12.61 13.01 -16.05
C HIS A 74 -13.54 13.69 -17.03
N THR A 75 -13.35 13.41 -18.33
CA THR A 75 -14.15 14.03 -19.36
C THR A 75 -14.03 13.23 -20.66
N GLU A 76 -15.17 13.02 -21.32
CA GLU A 76 -15.23 12.43 -22.66
C GLU A 76 -14.65 11.02 -22.69
N ASN A 77 -14.99 10.21 -21.69
CA ASN A 77 -14.46 8.85 -21.55
C ASN A 77 -12.95 8.86 -21.49
N LYS A 78 -12.38 9.95 -20.99
CA LYS A 78 -10.94 10.07 -20.75
C LYS A 78 -10.70 10.48 -19.31
N LEU A 79 -9.62 9.97 -18.74
CA LEU A 79 -9.22 10.29 -17.37
C LEU A 79 -7.85 10.95 -17.44
N TYR A 80 -7.80 12.24 -17.10
CA TYR A 80 -6.56 13.01 -17.14
C TYR A 80 -5.98 13.15 -15.74
N LEU A 81 -4.72 12.76 -15.59
CA LEU A 81 -3.99 12.92 -14.34
C LEU A 81 -2.98 14.05 -14.52
N VAL A 82 -3.15 15.12 -13.73
CA VAL A 82 -2.31 16.30 -13.84
C VAL A 82 -1.19 16.19 -12.81
N PHE A 83 0.05 16.15 -13.27
CA PHE A 83 1.21 15.99 -12.42
C PHE A 83 2.08 17.25 -12.46
N GLU A 84 2.91 17.39 -11.42
CA GLU A 84 3.99 18.35 -11.44
C GLU A 84 4.99 17.97 -12.53
N PHE A 85 5.57 18.98 -13.18
CA PHE A 85 6.47 18.77 -14.30
C PHE A 85 7.93 18.97 -13.87
N LEU A 86 8.78 18.04 -14.29
CA LEU A 86 10.22 18.15 -14.13
C LEU A 86 10.86 17.84 -15.49
N HIS A 87 11.97 18.52 -15.77
CA HIS A 87 12.45 18.59 -17.15
C HIS A 87 13.32 17.40 -17.56
N GLN A 88 13.76 16.56 -16.63
CA GLN A 88 14.67 15.49 -17.00
C GLN A 88 14.62 14.38 -15.96
N ASP A 89 14.81 13.15 -16.42
CA ASP A 89 14.95 12.01 -15.53
C ASP A 89 16.43 11.77 -15.21
N LEU A 90 16.67 10.95 -14.20
CA LEU A 90 18.04 10.74 -13.73
C LEU A 90 18.89 10.01 -14.77
N LYS A 91 18.31 9.01 -15.44
CA LYS A 91 19.07 8.23 -16.42
C LYS A 91 19.62 9.11 -17.53
N LYS A 92 18.79 10.01 -18.06
CA LYS A 92 19.26 10.95 -19.07
C LYS A 92 20.33 11.89 -18.52
N PHE A 93 20.23 12.21 -17.22
CA PHE A 93 21.24 13.06 -16.60
C PHE A 93 22.55 12.32 -16.38
N MET A 94 22.47 11.04 -15.99
CA MET A 94 23.68 10.25 -15.82
C MET A 94 24.37 10.00 -17.15
N ASP A 95 23.59 9.79 -18.21
CA ASP A 95 24.17 9.58 -19.53
C ASP A 95 24.86 10.85 -20.03
N ALA A 96 24.25 12.01 -19.80
CA ALA A 96 24.87 13.27 -20.17
C ALA A 96 26.09 13.58 -19.31
N SER A 97 26.18 13.00 -18.12
CA SER A 97 27.31 13.21 -17.22
C SER A 97 28.30 12.06 -17.25
N ALA A 98 28.16 11.12 -18.18
CA ALA A 98 28.97 9.92 -18.17
C ALA A 98 30.46 10.21 -18.38
N LEU A 99 30.77 11.22 -19.21
CA LEU A 99 32.17 11.53 -19.50
C LEU A 99 32.83 12.23 -18.32
N THR A 100 32.24 13.34 -17.86
CA THR A 100 32.84 14.12 -16.78
C THR A 100 32.49 13.58 -15.40
N GLY A 101 31.47 12.73 -15.30
CA GLY A 101 31.05 12.24 -14.00
C GLY A 101 30.16 13.22 -13.28
N ILE A 102 29.29 12.70 -12.43
CA ILE A 102 28.47 13.57 -11.59
C ILE A 102 29.30 14.02 -10.39
N PRO A 103 29.33 15.31 -10.06
CA PRO A 103 30.09 15.76 -8.89
C PRO A 103 29.63 15.07 -7.63
N LEU A 104 30.59 14.71 -6.78
CA LEU A 104 30.28 14.00 -5.54
C LEU A 104 29.32 14.77 -4.63
N PRO A 105 29.44 16.10 -4.44
CA PRO A 105 28.42 16.80 -3.65
C PRO A 105 27.02 16.69 -4.23
N LEU A 106 26.89 16.55 -5.54
CA LEU A 106 25.57 16.39 -6.15
C LEU A 106 25.05 14.96 -6.00
N ILE A 107 25.94 13.97 -6.03
CA ILE A 107 25.52 12.59 -5.76
C ILE A 107 25.01 12.47 -4.33
N LYS A 108 25.73 13.06 -3.38
CA LYS A 108 25.31 13.03 -1.99
C LYS A 108 24.00 13.78 -1.79
N SER A 109 23.85 14.93 -2.44
CA SER A 109 22.61 15.70 -2.32
C SER A 109 21.43 14.94 -2.91
N TYR A 110 21.63 14.27 -4.05
CA TYR A 110 20.55 13.54 -4.68
C TYR A 110 20.15 12.31 -3.86
N LEU A 111 21.14 11.53 -3.41
CA LEU A 111 20.83 10.37 -2.58
C LEU A 111 20.14 10.77 -1.29
N PHE A 112 20.57 11.89 -0.69
CA PHE A 112 19.94 12.36 0.54
C PHE A 112 18.47 12.70 0.31
N GLN A 113 18.17 13.37 -0.80
CA GLN A 113 16.78 13.69 -1.12
C GLN A 113 15.97 12.44 -1.42
N LEU A 114 16.57 11.48 -2.14
CA LEU A 114 15.86 10.24 -2.45
C LEU A 114 15.54 9.46 -1.18
N LEU A 115 16.47 9.41 -0.23
CA LEU A 115 16.21 8.72 1.03
C LEU A 115 15.14 9.42 1.84
N GLN A 116 15.06 10.75 1.76
CA GLN A 116 14.00 11.48 2.47
C GLN A 116 12.64 11.16 1.89
N GLY A 117 12.51 11.16 0.57
CA GLY A 117 11.25 10.78 -0.05
C GLY A 117 10.89 9.33 0.18
N LEU A 118 11.90 8.45 0.29
CA LEU A 118 11.61 7.04 0.55
C LEU A 118 11.23 6.81 2.01
N ALA A 119 11.89 7.54 2.93
CA ALA A 119 11.52 7.45 4.34
C ALA A 119 10.09 7.95 4.56
N PHE A 120 9.69 8.98 3.81
CA PHE A 120 8.31 9.46 3.89
C PHE A 120 7.33 8.42 3.36
N CYS A 121 7.72 7.70 2.31
CA CYS A 121 6.86 6.65 1.77
C CYS A 121 6.71 5.50 2.76
N HIS A 122 7.82 5.07 3.36
CA HIS A 122 7.78 3.92 4.24
C HIS A 122 7.10 4.23 5.57
N SER A 123 7.24 5.46 6.08
CA SER A 123 6.52 5.84 7.28
C SER A 123 5.02 5.89 7.05
N HIS A 124 4.60 6.19 5.82
CA HIS A 124 3.20 6.09 5.42
C HIS A 124 2.82 4.69 4.98
N ARG A 125 3.72 3.72 5.16
CA ARG A 125 3.47 2.32 4.84
C ARG A 125 3.15 2.13 3.35
N VAL A 126 4.03 2.66 2.50
CA VAL A 126 3.90 2.56 1.05
C VAL A 126 5.23 2.08 0.48
N LEU A 127 5.19 0.99 -0.26
CA LEU A 127 6.34 0.52 -1.02
C LEU A 127 6.27 1.09 -2.44
N HIS A 128 7.42 1.54 -2.97
CA HIS A 128 7.43 2.04 -4.33
C HIS A 128 7.52 0.90 -5.34
N ARG A 129 8.50 0.02 -5.17
CA ARG A 129 8.67 -1.23 -5.90
C ARG A 129 9.06 -1.05 -7.36
N ASP A 130 9.51 0.13 -7.76
CA ASP A 130 10.04 0.33 -9.11
C ASP A 130 10.98 1.53 -9.12
N LEU A 131 11.93 1.55 -8.19
CA LEU A 131 12.93 2.62 -8.12
C LEU A 131 14.01 2.35 -9.16
N LYS A 132 14.05 3.17 -10.21
CA LYS A 132 15.06 3.09 -11.25
C LYS A 132 15.31 4.50 -11.75
N PRO A 133 16.47 4.75 -12.36
CA PRO A 133 16.79 6.12 -12.81
C PRO A 133 15.73 6.75 -13.71
N GLN A 134 15.01 5.93 -14.49
CA GLN A 134 13.94 6.48 -15.33
C GLN A 134 12.80 7.05 -14.52
N ASN A 135 12.60 6.58 -13.28
CA ASN A 135 11.52 7.05 -12.43
C ASN A 135 11.97 8.12 -11.43
N LEU A 136 13.20 8.60 -11.54
CA LEU A 136 13.73 9.65 -10.69
C LEU A 136 13.88 10.91 -11.52
N LEU A 137 13.11 11.95 -11.18
CA LEU A 137 13.02 13.16 -11.97
C LEU A 137 13.70 14.31 -11.25
N ILE A 138 14.42 15.13 -12.01
CA ILE A 138 15.16 16.27 -11.49
C ILE A 138 14.64 17.55 -12.15
N ASN A 139 14.81 18.66 -11.45
CA ASN A 139 14.48 19.98 -11.98
C ASN A 139 15.76 20.82 -12.05
N THR A 140 15.60 22.06 -12.50
CA THR A 140 16.73 22.97 -12.64
C THR A 140 17.09 23.70 -11.35
N GLU A 141 16.58 23.23 -10.21
CA GLU A 141 16.87 23.85 -8.92
C GLU A 141 17.54 22.88 -7.95
N GLY A 142 18.18 21.83 -8.48
CA GLY A 142 18.94 20.91 -7.66
C GLY A 142 18.14 19.85 -6.94
N ALA A 143 16.86 19.71 -7.25
CA ALA A 143 16.00 18.75 -6.56
C ALA A 143 15.79 17.51 -7.41
N ILE A 144 15.51 16.39 -6.74
CA ILE A 144 15.19 15.12 -7.38
C ILE A 144 14.00 14.50 -6.66
N LYS A 145 13.10 13.89 -7.42
CA LYS A 145 11.82 13.46 -6.89
C LYS A 145 11.46 12.08 -7.40
N LEU A 146 10.75 11.31 -6.57
CA LEU A 146 10.27 9.99 -6.95
C LEU A 146 9.02 10.12 -7.81
N ALA A 147 8.95 9.30 -8.87
CA ALA A 147 7.83 9.35 -9.79
C ALA A 147 7.36 7.94 -10.12
N ASP A 148 6.22 7.87 -10.80
CA ASP A 148 5.61 6.62 -11.23
C ASP A 148 5.33 5.69 -10.06
N PHE A 149 4.15 5.84 -9.44
CA PHE A 149 3.71 4.98 -8.35
C PHE A 149 2.70 3.94 -8.83
N GLY A 150 2.71 3.61 -10.11
CA GLY A 150 1.77 2.61 -10.62
C GLY A 150 2.03 1.22 -10.09
N LEU A 151 3.29 0.92 -9.78
CA LEU A 151 3.65 -0.36 -9.19
C LEU A 151 3.78 -0.28 -7.67
N ALA A 152 3.39 0.85 -7.07
CA ALA A 152 3.45 1.00 -5.64
C ALA A 152 2.31 0.28 -4.96
N ARG A 153 2.50 -0.04 -3.67
CA ARG A 153 1.47 -0.70 -2.89
C ARG A 153 1.62 -0.32 -1.43
N ALA A 154 0.50 -0.03 -0.78
CA ALA A 154 0.47 0.17 0.65
C ALA A 154 0.49 -1.17 1.36
N PHE A 155 1.42 -1.34 2.30
CA PHE A 155 1.54 -2.59 3.04
C PHE A 155 0.95 -2.43 4.43
N GLY A 156 0.30 -3.48 4.92
CA GLY A 156 -0.26 -3.47 6.24
C GLY A 156 0.74 -3.89 7.30
N VAL A 157 0.30 -3.82 8.55
CA VAL A 157 1.10 -4.21 9.70
C VAL A 157 0.35 -5.29 10.46
N PRO A 158 0.73 -6.56 10.30
CA PRO A 158 1.83 -7.08 9.49
C PRO A 158 1.49 -7.17 8.00
N VAL A 159 2.47 -7.45 7.16
CA VAL A 159 2.25 -7.58 5.72
C VAL A 159 1.80 -9.00 5.42
N ARG A 160 1.30 -9.22 4.21
CA ARG A 160 0.99 -10.55 3.70
C ARG A 160 1.68 -10.74 2.36
N THR A 161 1.46 -11.89 1.74
CA THR A 161 2.10 -12.20 0.47
C THR A 161 1.61 -11.25 -0.61
N TYR A 162 2.53 -10.46 -1.16
CA TYR A 162 2.20 -9.48 -2.20
C TYR A 162 2.61 -9.98 -3.58
N TPO A 163 2.48 -9.13 -4.59
CA TPO A 163 2.78 -9.49 -5.97
CB TPO A 163 2.46 -8.35 -6.94
CG2 TPO A 163 2.83 -8.70 -8.37
OG1 TPO A 163 1.08 -8.06 -6.84
P TPO A 163 0.59 -6.51 -6.30
O1P TPO A 163 -0.93 -6.69 -6.32
O2P TPO A 163 1.21 -6.37 -4.92
O3P TPO A 163 1.14 -5.54 -7.34
C TPO A 163 4.23 -9.92 -6.15
O TPO A 163 5.15 -9.22 -5.70
N HIS A 164 4.44 -11.06 -6.79
CA HIS A 164 5.78 -11.60 -7.01
C HIS A 164 6.43 -10.99 -8.25
N GLU A 165 7.76 -11.09 -8.29
CA GLU A 165 8.56 -10.67 -9.44
C GLU A 165 8.36 -9.18 -9.75
N VAL A 166 8.43 -8.36 -8.71
CA VAL A 166 8.29 -6.92 -8.86
C VAL A 166 9.67 -6.31 -9.11
N VAL A 167 9.70 -5.00 -9.36
CA VAL A 167 10.91 -4.20 -9.59
C VAL A 167 11.57 -4.60 -10.90
N THR A 168 12.06 -3.61 -11.64
CA THR A 168 12.84 -3.87 -12.84
C THR A 168 14.06 -4.70 -12.49
N LEU A 169 14.50 -5.53 -13.45
CA LEU A 169 15.43 -6.61 -13.14
C LEU A 169 16.75 -6.10 -12.58
N TRP A 170 17.31 -5.03 -13.17
CA TRP A 170 18.61 -4.53 -12.74
C TRP A 170 18.60 -4.02 -11.31
N TYR A 171 17.45 -3.61 -10.78
CA TYR A 171 17.36 -3.03 -9.45
C TYR A 171 16.52 -3.89 -8.51
N ARG A 172 16.39 -5.18 -8.81
CA ARG A 172 15.56 -6.09 -8.05
C ARG A 172 16.37 -6.71 -6.92
N ALA A 173 15.84 -6.65 -5.71
CA ALA A 173 16.55 -7.16 -4.55
C ALA A 173 16.72 -8.68 -4.64
N PRO A 174 17.75 -9.23 -3.98
CA PRO A 174 18.00 -10.68 -4.11
C PRO A 174 16.92 -11.53 -3.46
N GLU A 175 16.23 -11.03 -2.44
CA GLU A 175 15.15 -11.81 -1.83
C GLU A 175 13.98 -11.99 -2.79
N ILE A 176 13.75 -11.03 -3.69
CA ILE A 176 12.74 -11.19 -4.71
C ILE A 176 13.17 -12.25 -5.72
N LEU A 177 14.44 -12.21 -6.13
CA LEU A 177 14.95 -13.17 -7.10
C LEU A 177 14.94 -14.60 -6.55
N LEU A 178 15.05 -14.76 -5.24
CA LEU A 178 15.04 -16.07 -4.61
C LEU A 178 13.64 -16.54 -4.22
N GLY A 179 12.62 -15.73 -4.45
CA GLY A 179 11.24 -16.16 -4.26
C GLY A 179 10.74 -16.10 -2.83
N CYS A 180 11.00 -15.00 -2.15
CA CYS A 180 10.53 -14.86 -0.78
C CYS A 180 9.02 -14.71 -0.73
N LYS A 181 8.40 -15.28 0.31
CA LYS A 181 6.95 -15.14 0.47
C LYS A 181 6.57 -13.70 0.79
N TYR A 182 7.15 -13.15 1.84
CA TYR A 182 6.84 -11.80 2.30
C TYR A 182 8.00 -10.87 1.99
N TYR A 183 7.67 -9.59 1.77
CA TYR A 183 8.68 -8.56 1.59
C TYR A 183 8.06 -7.21 1.93
N SER A 184 8.92 -6.23 2.19
CA SER A 184 8.45 -4.89 2.50
C SER A 184 9.45 -3.83 2.07
N THR A 185 9.84 -2.95 3.01
CA THR A 185 10.58 -1.75 2.67
C THR A 185 12.00 -2.01 2.18
N ALA A 186 12.55 -3.19 2.46
CA ALA A 186 13.95 -3.45 2.14
C ALA A 186 14.19 -3.46 0.62
N VAL A 187 13.17 -3.80 -0.17
CA VAL A 187 13.38 -3.90 -1.61
C VAL A 187 13.64 -2.53 -2.23
N ASP A 188 13.07 -1.46 -1.65
CA ASP A 188 13.32 -0.13 -2.18
C ASP A 188 14.74 0.35 -1.85
N ILE A 189 15.25 -0.02 -0.68
CA ILE A 189 16.60 0.38 -0.28
C ILE A 189 17.64 -0.26 -1.18
N TRP A 190 17.45 -1.53 -1.53
CA TRP A 190 18.36 -2.20 -2.46
C TRP A 190 18.40 -1.47 -3.80
N SER A 191 17.24 -1.05 -4.30
CA SER A 191 17.20 -0.31 -5.56
C SER A 191 17.98 0.99 -5.44
N LEU A 192 17.83 1.71 -4.33
CA LEU A 192 18.58 2.94 -4.15
C LEU A 192 20.07 2.69 -4.02
N GLY A 193 20.46 1.57 -3.41
CA GLY A 193 21.87 1.21 -3.37
C GLY A 193 22.44 0.98 -4.76
N CYS A 194 21.67 0.31 -5.63
CA CYS A 194 22.12 0.14 -7.01
C CYS A 194 22.20 1.49 -7.72
N ILE A 195 21.21 2.36 -7.50
CA ILE A 195 21.24 3.69 -8.11
C ILE A 195 22.38 4.52 -7.54
N PHE A 196 22.66 4.36 -6.24
CA PHE A 196 23.78 5.04 -5.62
C PHE A 196 25.10 4.70 -6.31
N ALA A 197 25.39 3.39 -6.42
CA ALA A 197 26.63 2.98 -7.07
C ALA A 197 26.64 3.35 -8.55
N GLU A 198 25.47 3.35 -9.19
CA GLU A 198 25.43 3.68 -10.61
C GLU A 198 25.77 5.15 -10.84
N MET A 199 25.40 6.03 -9.90
CA MET A 199 25.82 7.43 -9.99
C MET A 199 27.31 7.57 -9.79
N VAL A 200 27.92 6.70 -9.00
CA VAL A 200 29.36 6.79 -8.73
C VAL A 200 30.17 6.26 -9.90
N THR A 201 29.81 5.08 -10.40
CA THR A 201 30.58 4.42 -11.44
C THR A 201 30.11 4.76 -12.86
N ARG A 202 29.01 5.50 -12.99
CA ARG A 202 28.43 5.87 -14.29
C ARG A 202 28.02 4.67 -15.12
N ARG A 203 27.82 3.52 -14.50
CA ARG A 203 27.31 2.34 -15.19
C ARG A 203 26.51 1.51 -14.20
N ALA A 204 25.59 0.70 -14.73
CA ALA A 204 24.72 -0.11 -13.89
C ALA A 204 25.53 -1.07 -13.04
N LEU A 205 25.05 -1.31 -11.81
CA LEU A 205 25.79 -2.14 -10.88
C LEU A 205 25.65 -3.62 -11.22
N PHE A 206 24.43 -4.10 -11.41
CA PHE A 206 24.16 -5.49 -11.76
C PHE A 206 23.27 -5.51 -13.00
N PRO A 207 23.86 -5.39 -14.18
CA PRO A 207 23.06 -5.37 -15.43
C PRO A 207 22.81 -6.77 -15.99
N GLY A 208 21.90 -7.50 -15.34
CA GLY A 208 21.59 -8.85 -15.78
C GLY A 208 20.53 -8.89 -16.86
N ASP A 209 20.53 -9.98 -17.63
CA ASP A 209 19.55 -10.18 -18.69
C ASP A 209 18.56 -11.29 -18.38
N SER A 210 18.66 -11.93 -17.22
CA SER A 210 17.69 -12.93 -16.79
C SER A 210 17.67 -12.96 -15.28
N GLU A 211 16.73 -13.73 -14.73
CA GLU A 211 16.63 -13.81 -13.27
C GLU A 211 17.84 -14.50 -12.67
N ILE A 212 18.31 -15.58 -13.30
CA ILE A 212 19.46 -16.29 -12.76
C ILE A 212 20.74 -15.54 -13.03
N ASP A 213 20.83 -14.82 -14.15
CA ASP A 213 22.03 -14.04 -14.44
C ASP A 213 22.11 -12.80 -13.54
N GLN A 214 20.97 -12.18 -13.25
CA GLN A 214 20.94 -11.07 -12.31
C GLN A 214 21.41 -11.52 -10.94
N LEU A 215 20.97 -12.69 -10.50
CA LEU A 215 21.37 -13.20 -9.20
C LEU A 215 22.85 -13.53 -9.16
N PHE A 216 23.40 -14.05 -10.27
CA PHE A 216 24.82 -14.41 -10.30
C PHE A 216 25.70 -13.16 -10.38
N ARG A 217 25.21 -12.10 -11.02
CA ARG A 217 25.97 -10.85 -11.01
C ARG A 217 26.02 -10.24 -9.62
N ILE A 218 24.96 -10.41 -8.84
CA ILE A 218 24.98 -9.98 -7.44
C ILE A 218 25.94 -10.84 -6.64
N PHE A 219 25.93 -12.15 -6.90
CA PHE A 219 26.85 -13.05 -6.18
C PHE A 219 28.30 -12.74 -6.50
N ARG A 220 28.59 -12.41 -7.76
CA ARG A 220 29.97 -12.15 -8.16
C ARG A 220 30.56 -10.91 -7.50
N THR A 221 29.72 -9.96 -7.08
CA THR A 221 30.19 -8.74 -6.46
C THR A 221 30.14 -8.79 -4.95
N LEU A 222 29.05 -9.28 -4.38
CA LEU A 222 28.85 -9.31 -2.94
C LEU A 222 29.13 -10.67 -2.32
N GLY A 223 29.53 -11.66 -3.11
CA GLY A 223 29.78 -12.98 -2.58
C GLY A 223 28.52 -13.81 -2.49
N THR A 224 28.68 -15.11 -2.69
CA THR A 224 27.57 -16.05 -2.59
C THR A 224 27.11 -16.14 -1.14
N PRO A 225 25.89 -15.72 -0.82
CA PRO A 225 25.47 -15.68 0.58
C PRO A 225 25.25 -17.08 1.14
N ASP A 226 25.41 -17.19 2.46
CA ASP A 226 25.18 -18.44 3.16
C ASP A 226 24.36 -18.13 4.42
N GLU A 227 24.20 -19.14 5.28
CA GLU A 227 23.32 -18.98 6.44
C GLU A 227 23.88 -17.97 7.43
N VAL A 228 25.19 -17.78 7.47
CA VAL A 228 25.79 -16.85 8.43
C VAL A 228 25.47 -15.42 8.05
N VAL A 229 25.70 -15.04 6.79
CA VAL A 229 25.45 -13.67 6.36
C VAL A 229 23.96 -13.41 6.09
N TRP A 230 23.17 -14.45 5.90
CA TRP A 230 21.74 -14.33 5.60
C TRP A 230 21.00 -15.54 6.12
N PRO A 231 20.54 -15.53 7.38
CA PRO A 231 19.87 -16.72 7.92
C PRO A 231 18.61 -17.07 7.15
N GLY A 232 18.52 -18.34 6.75
CA GLY A 232 17.38 -18.83 6.01
C GLY A 232 17.51 -18.78 4.51
N VAL A 233 18.67 -18.40 3.98
CA VAL A 233 18.82 -18.26 2.53
C VAL A 233 18.84 -19.63 1.85
N THR A 234 19.38 -20.65 2.52
CA THR A 234 19.44 -21.98 1.92
C THR A 234 18.08 -22.65 1.85
N SER A 235 17.07 -22.13 2.53
CA SER A 235 15.74 -22.70 2.53
C SER A 235 14.78 -21.95 1.61
N MET A 236 15.24 -20.92 0.91
CA MET A 236 14.37 -20.14 0.06
C MET A 236 14.02 -20.92 -1.21
N PRO A 237 12.85 -20.66 -1.80
CA PRO A 237 12.36 -21.53 -2.89
C PRO A 237 13.28 -21.59 -4.09
N ASP A 238 13.88 -20.49 -4.50
CA ASP A 238 14.72 -20.47 -5.68
C ASP A 238 16.20 -20.69 -5.36
N TYR A 239 16.55 -20.95 -4.11
CA TYR A 239 17.93 -21.26 -3.79
C TYR A 239 18.30 -22.65 -4.29
N LYS A 240 19.52 -22.77 -4.81
CA LYS A 240 20.04 -24.04 -5.30
C LYS A 240 21.41 -24.27 -4.65
N PRO A 241 21.66 -25.47 -4.12
CA PRO A 241 23.00 -25.78 -3.59
C PRO A 241 24.08 -25.76 -4.66
N SER A 242 23.71 -25.75 -5.94
CA SER A 242 24.66 -25.73 -7.05
C SER A 242 25.15 -24.33 -7.38
N PHE A 243 24.77 -23.32 -6.61
CA PHE A 243 25.24 -21.97 -6.86
C PHE A 243 26.76 -21.92 -6.74
N PRO A 244 27.46 -21.29 -7.69
CA PRO A 244 28.92 -21.18 -7.57
C PRO A 244 29.31 -20.29 -6.40
N LYS A 245 30.49 -20.57 -5.85
CA LYS A 245 31.01 -19.83 -4.70
C LYS A 245 31.93 -18.73 -5.20
N TRP A 246 31.45 -17.49 -5.14
CA TRP A 246 32.25 -16.31 -5.47
C TRP A 246 32.60 -15.57 -4.20
N ALA A 247 33.80 -15.00 -4.18
CA ALA A 247 34.26 -14.22 -3.03
C ALA A 247 33.78 -12.78 -3.15
N ARG A 248 33.43 -12.19 -2.01
CA ARG A 248 33.01 -10.79 -2.00
C ARG A 248 34.17 -9.90 -2.42
N GLN A 249 33.89 -8.95 -3.31
CA GLN A 249 34.91 -8.05 -3.83
C GLN A 249 35.07 -6.83 -2.94
N ASP A 250 36.31 -6.36 -2.84
CA ASP A 250 36.59 -5.16 -2.05
C ASP A 250 35.92 -3.96 -2.69
N PHE A 251 35.15 -3.22 -1.88
CA PHE A 251 34.44 -2.05 -2.40
C PHE A 251 35.38 -0.96 -2.87
N SER A 252 36.67 -1.04 -2.54
CA SER A 252 37.64 -0.13 -3.14
C SER A 252 37.73 -0.33 -4.65
N LYS A 253 37.35 -1.50 -5.15
CA LYS A 253 37.31 -1.76 -6.58
C LYS A 253 35.91 -1.65 -7.17
N VAL A 254 34.87 -1.92 -6.38
CA VAL A 254 33.50 -1.83 -6.87
C VAL A 254 33.12 -0.36 -7.08
N VAL A 255 33.35 0.47 -6.07
CA VAL A 255 33.09 1.91 -6.16
C VAL A 255 34.37 2.65 -5.82
N PRO A 256 35.33 2.76 -6.73
CA PRO A 256 36.61 3.40 -6.43
C PRO A 256 36.46 4.84 -5.96
N PRO A 257 35.63 5.68 -6.61
CA PRO A 257 35.56 7.08 -6.18
C PRO A 257 35.00 7.27 -4.77
N LEU A 258 34.31 6.27 -4.23
CA LEU A 258 33.64 6.43 -2.94
C LEU A 258 34.64 6.35 -1.79
N ASP A 259 34.47 7.23 -0.81
CA ASP A 259 35.36 7.28 0.35
C ASP A 259 34.92 6.24 1.38
N GLU A 260 35.44 6.37 2.61
CA GLU A 260 35.15 5.38 3.64
C GLU A 260 33.69 5.41 4.06
N ASP A 261 33.14 6.60 4.29
CA ASP A 261 31.74 6.71 4.69
C ASP A 261 30.81 6.29 3.56
N GLY A 262 31.22 6.47 2.31
CA GLY A 262 30.38 6.07 1.19
C GLY A 262 30.29 4.56 1.03
N ARG A 263 31.43 3.87 1.13
CA ARG A 263 31.43 2.41 1.03
C ARG A 263 30.65 1.77 2.17
N SER A 264 30.69 2.38 3.37
CA SER A 264 29.97 1.83 4.50
C SER A 264 28.46 1.91 4.27
N LEU A 265 27.97 3.07 3.84
CA LEU A 265 26.54 3.23 3.58
C LEU A 265 26.07 2.32 2.46
N LEU A 266 26.86 2.22 1.38
CA LEU A 266 26.49 1.36 0.27
C LEU A 266 26.43 -0.10 0.69
N SER A 267 27.35 -0.53 1.56
CA SER A 267 27.32 -1.90 2.05
C SER A 267 26.04 -2.18 2.84
N GLN A 268 25.62 -1.23 3.68
CA GLN A 268 24.43 -1.43 4.48
C GLN A 268 23.16 -1.37 3.64
N MET A 269 23.19 -0.64 2.53
CA MET A 269 22.06 -0.64 1.61
C MET A 269 22.02 -1.89 0.73
N LEU A 270 23.15 -2.59 0.60
CA LEU A 270 23.22 -3.81 -0.20
C LEU A 270 23.41 -5.06 0.67
N HIS A 271 23.00 -5.00 1.93
CA HIS A 271 23.06 -6.17 2.79
C HIS A 271 22.12 -7.24 2.26
N TYR A 272 22.58 -8.50 2.29
CA TYR A 272 21.75 -9.59 1.80
C TYR A 272 20.49 -9.76 2.63
N ASP A 273 20.64 -9.82 3.95
CA ASP A 273 19.51 -10.01 4.85
C ASP A 273 18.60 -8.79 4.80
N PRO A 274 17.34 -8.94 4.38
CA PRO A 274 16.43 -7.79 4.41
C PRO A 274 16.17 -7.26 5.80
N ASN A 275 16.31 -8.11 6.83
CA ASN A 275 16.11 -7.64 8.20
C ASN A 275 17.27 -6.78 8.68
N LYS A 276 18.47 -7.00 8.12
CA LYS A 276 19.65 -6.24 8.50
C LYS A 276 19.92 -5.06 7.57
N ARG A 277 19.31 -5.05 6.38
CA ARG A 277 19.53 -3.96 5.44
C ARG A 277 19.09 -2.64 6.06
N ILE A 278 19.93 -1.61 5.90
CA ILE A 278 19.68 -0.33 6.56
C ILE A 278 18.37 0.26 6.05
N SER A 279 17.67 0.95 6.96
CA SER A 279 16.42 1.59 6.59
C SER A 279 16.71 2.98 6.00
N ALA A 280 15.67 3.56 5.37
CA ALA A 280 15.82 4.89 4.80
C ALA A 280 16.04 5.94 5.89
N LYS A 281 15.32 5.80 7.01
CA LYS A 281 15.49 6.76 8.10
C LYS A 281 16.88 6.65 8.72
N ALA A 282 17.37 5.42 8.91
CA ALA A 282 18.70 5.23 9.48
C ALA A 282 19.79 5.66 8.51
N ALA A 283 19.55 5.50 7.20
CA ALA A 283 20.55 5.93 6.21
C ALA A 283 20.71 7.44 6.23
N LEU A 284 19.64 8.17 6.50
CA LEU A 284 19.73 9.63 6.62
C LEU A 284 20.64 10.04 7.77
N ALA A 285 20.75 9.22 8.81
CA ALA A 285 21.61 9.51 9.94
C ALA A 285 23.02 8.96 9.77
N HIS A 286 23.34 8.37 8.63
CA HIS A 286 24.66 7.82 8.41
C HIS A 286 25.70 8.95 8.35
N PRO A 287 26.93 8.68 8.83
CA PRO A 287 27.98 9.72 8.77
C PRO A 287 28.33 10.16 7.36
N PHE A 288 27.77 9.54 6.32
CA PHE A 288 28.01 10.02 4.96
C PHE A 288 27.32 11.36 4.72
N PHE A 289 26.23 11.62 5.43
CA PHE A 289 25.51 12.88 5.32
C PHE A 289 25.74 13.78 6.53
N GLN A 290 26.76 13.50 7.35
CA GLN A 290 27.00 14.30 8.54
C GLN A 290 27.36 15.75 8.19
N ASP A 291 27.85 16.00 6.98
CA ASP A 291 28.12 17.36 6.53
C ASP A 291 26.91 18.03 5.89
N VAL A 292 25.91 17.25 5.47
CA VAL A 292 24.72 17.81 4.85
C VAL A 292 23.65 18.13 5.90
N THR A 293 23.44 17.23 6.86
CA THR A 293 22.41 17.41 7.87
C THR A 293 23.05 17.43 9.25
N LYS A 294 22.32 18.02 10.20
CA LYS A 294 22.70 18.05 11.60
C LYS A 294 21.61 17.39 12.44
N PRO A 295 21.97 16.64 13.47
CA PRO A 295 20.96 15.89 14.22
C PRO A 295 20.06 16.80 15.05
N VAL A 296 18.84 16.32 15.28
CA VAL A 296 17.88 17.02 16.11
C VAL A 296 17.99 16.48 17.53
N PRO A 297 17.64 17.25 18.55
CA PRO A 297 17.64 16.71 19.91
C PRO A 297 16.54 15.67 20.09
N HIS A 298 16.90 14.54 20.68
CA HIS A 298 15.99 13.41 20.85
C HIS A 298 15.44 13.42 22.27
N LEU A 299 14.11 13.51 22.40
CA LEU A 299 13.47 13.43 23.70
C LEU A 299 13.58 12.01 24.24
N ARG A 300 14.17 11.86 25.43
CA ARG A 300 14.33 10.55 26.05
C ARG A 300 13.07 10.18 26.84
N LEU A 301 11.95 10.18 26.13
CA LEU A 301 10.65 9.91 26.73
C LEU A 301 9.67 9.37 25.70
N GLY B 9 -2.05 6.60 23.51
CA GLY B 9 -0.79 5.88 23.53
C GLY B 9 -0.50 5.14 22.23
N SER B 10 0.71 4.59 22.12
CA SER B 10 1.13 3.87 20.94
C SER B 10 1.59 2.47 21.33
N PRO B 11 0.96 1.41 20.82
CA PRO B 11 1.35 0.04 21.17
C PRO B 11 2.39 -0.58 20.25
N LEU B 12 2.86 0.14 19.24
CA LEU B 12 3.84 -0.43 18.32
C LEU B 12 5.23 -0.48 18.97
N PRO B 13 5.99 -1.55 18.74
CA PRO B 13 7.36 -1.60 19.27
C PRO B 13 8.31 -0.71 18.48
N VAL B 14 9.59 -0.76 18.81
CA VAL B 14 10.57 0.02 18.05
C VAL B 14 10.64 -0.51 16.63
N LEU B 15 10.47 0.39 15.66
CA LEU B 15 10.48 0.03 14.26
C LEU B 15 11.83 0.38 13.64
N SER B 16 12.44 -0.59 12.97
CA SER B 16 13.74 -0.34 12.35
C SER B 16 13.62 0.54 11.12
N TRP B 17 12.45 0.52 10.46
CA TRP B 17 12.28 1.22 9.19
C TRP B 17 11.76 2.64 9.33
N ALA B 18 11.28 3.04 10.50
CA ALA B 18 10.80 4.39 10.72
C ALA B 18 10.62 4.60 12.21
N ASN B 19 10.44 5.88 12.60
CA ASN B 19 10.12 6.20 13.98
C ASN B 19 8.78 5.59 14.36
N ARG B 20 8.79 4.78 15.42
CA ARG B 20 7.58 4.05 15.80
C ARG B 20 6.42 5.00 16.08
N GLU B 21 6.69 6.13 16.73
CA GLU B 21 5.63 7.10 16.98
C GLU B 21 5.22 7.83 15.70
N GLU B 22 6.10 7.90 14.71
CA GLU B 22 5.76 8.57 13.45
C GLU B 22 4.78 7.73 12.64
N VAL B 23 5.01 6.41 12.57
CA VAL B 23 4.11 5.54 11.84
C VAL B 23 2.73 5.50 12.50
N TRP B 24 2.71 5.44 13.83
CA TRP B 24 1.43 5.39 14.54
C TRP B 24 0.68 6.71 14.42
N LYS B 25 1.40 7.83 14.44
CA LYS B 25 0.75 9.14 14.29
C LYS B 25 0.07 9.26 12.94
N ILE B 26 0.74 8.81 11.88
CA ILE B 26 0.17 8.88 10.53
C ILE B 26 -1.09 8.03 10.45
N MET B 27 -1.08 6.84 11.05
CA MET B 27 -2.27 5.99 11.03
C MET B 27 -3.43 6.64 11.78
N LEU B 28 -3.13 7.31 12.90
CA LEU B 28 -4.18 8.02 13.62
C LEU B 28 -4.62 9.27 12.89
N ASN B 29 -3.65 10.00 12.31
CA ASN B 29 -3.97 11.24 11.61
C ASN B 29 -4.85 10.97 10.38
N LYS B 30 -4.72 9.79 9.78
CA LYS B 30 -5.56 9.44 8.64
C LYS B 30 -7.02 9.25 9.07
N GLU B 31 -7.25 8.69 10.24
CA GLU B 31 -8.61 8.44 10.70
C GLU B 31 -9.39 9.73 10.89
N LYS B 32 -8.72 10.87 10.99
CA LYS B 32 -9.40 12.16 11.01
C LYS B 32 -9.71 12.67 9.61
N THR B 33 -8.97 12.22 8.60
CA THR B 33 -9.26 12.59 7.22
C THR B 33 -10.52 11.86 6.72
N TYR B 34 -10.65 10.58 7.06
CA TYR B 34 -11.79 9.78 6.65
C TYR B 34 -12.89 9.91 7.69
N LEU B 35 -13.98 10.58 7.34
CA LEU B 35 -15.07 10.85 8.26
C LEU B 35 -16.14 9.77 8.19
N ARG B 36 -16.78 9.53 9.33
CA ARG B 36 -17.93 8.64 9.41
C ARG B 36 -19.13 9.41 9.94
N ASP B 37 -20.32 8.93 9.58
CA ASP B 37 -21.57 9.57 9.99
C ASP B 37 -22.58 8.46 10.22
N GLN B 38 -22.84 8.13 11.48
CA GLN B 38 -23.76 7.04 11.80
C GLN B 38 -25.20 7.35 11.43
N HIS B 39 -25.50 8.59 11.02
CA HIS B 39 -26.85 8.99 10.65
C HIS B 39 -26.90 9.53 9.23
N PHE B 40 -26.06 8.99 8.33
CA PHE B 40 -26.08 9.45 6.95
C PHE B 40 -27.35 9.03 6.22
N LEU B 41 -28.06 8.01 6.73
CA LEU B 41 -29.30 7.57 6.10
C LEU B 41 -30.45 8.55 6.30
N GLU B 42 -30.28 9.56 7.16
CA GLU B 42 -31.25 10.64 7.22
C GLU B 42 -31.22 11.50 5.97
N GLN B 43 -30.11 11.49 5.23
CA GLN B 43 -30.06 12.15 3.93
C GLN B 43 -30.83 11.39 2.86
N HIS B 44 -31.15 10.12 3.12
CA HIS B 44 -31.92 9.28 2.20
C HIS B 44 -33.16 8.81 2.95
N PRO B 45 -34.21 9.63 3.02
CA PRO B 45 -35.36 9.29 3.86
C PRO B 45 -36.09 8.03 3.43
N LEU B 46 -36.02 7.65 2.15
CA LEU B 46 -36.72 6.47 1.67
C LEU B 46 -36.02 5.17 2.08
N LEU B 47 -34.74 5.23 2.44
CA LEU B 47 -33.99 4.05 2.82
C LEU B 47 -34.14 3.77 4.30
N GLN B 48 -33.96 2.50 4.66
CA GLN B 48 -34.01 2.05 6.04
C GLN B 48 -32.68 1.41 6.44
N PRO B 49 -32.34 1.43 7.74
CA PRO B 49 -31.04 0.88 8.16
C PRO B 49 -30.89 -0.60 7.88
N LYS B 50 -31.98 -1.36 7.82
CA LYS B 50 -31.86 -2.80 7.58
C LYS B 50 -31.43 -3.08 6.15
N MET B 51 -31.80 -2.21 5.19
CA MET B 51 -31.39 -2.41 3.81
C MET B 51 -29.86 -2.41 3.69
N ARG B 52 -29.18 -1.59 4.49
CA ARG B 52 -27.73 -1.58 4.48
C ARG B 52 -27.17 -2.90 4.98
N ALA B 53 -27.81 -3.51 5.99
CA ALA B 53 -27.35 -4.79 6.50
C ALA B 53 -27.54 -5.89 5.46
N ILE B 54 -28.68 -5.89 4.76
CA ILE B 54 -28.92 -6.89 3.72
C ILE B 54 -27.93 -6.72 2.57
N LEU B 55 -27.54 -5.47 2.27
CA LEU B 55 -26.60 -5.24 1.19
C LEU B 55 -25.20 -5.69 1.56
N LEU B 56 -24.73 -5.29 2.74
CA LEU B 56 -23.38 -5.65 3.16
C LEU B 56 -23.25 -7.16 3.36
N ASP B 57 -24.30 -7.80 3.88
CA ASP B 57 -24.26 -9.25 4.04
C ASP B 57 -24.21 -9.95 2.68
N TRP B 58 -24.90 -9.40 1.68
CA TRP B 58 -24.81 -9.95 0.33
C TRP B 58 -23.39 -9.81 -0.22
N LEU B 59 -22.74 -8.69 0.06
CA LEU B 59 -21.36 -8.50 -0.38
C LEU B 59 -20.41 -9.46 0.32
N MET B 60 -20.70 -9.82 1.58
CA MET B 60 -19.90 -10.83 2.27
C MET B 60 -19.99 -12.16 1.54
N GLU B 61 -21.20 -12.58 1.19
CA GLU B 61 -21.38 -13.85 0.50
C GLU B 61 -20.72 -13.83 -0.88
N VAL B 62 -20.81 -12.69 -1.59
CA VAL B 62 -20.13 -12.56 -2.88
C VAL B 62 -18.63 -12.68 -2.71
N CYS B 63 -18.10 -12.12 -1.61
CA CYS B 63 -16.66 -12.20 -1.38
C CYS B 63 -16.21 -13.63 -1.14
N GLU B 64 -17.01 -14.42 -0.43
CA GLU B 64 -16.62 -15.80 -0.13
C GLU B 64 -16.69 -16.67 -1.37
N VAL B 65 -17.67 -16.44 -2.23
CA VAL B 65 -17.80 -17.24 -3.45
C VAL B 65 -16.57 -17.06 -4.34
N TYR B 66 -16.10 -15.82 -4.48
CA TYR B 66 -14.91 -15.54 -5.26
C TYR B 66 -13.65 -15.46 -4.39
N LYS B 67 -13.77 -15.81 -3.11
CA LYS B 67 -12.63 -15.93 -2.20
C LYS B 67 -11.85 -14.62 -2.09
N LEU B 68 -12.59 -13.51 -1.99
CA LEU B 68 -11.98 -12.21 -1.82
C LEU B 68 -11.59 -12.00 -0.36
N HIS B 69 -10.54 -11.21 -0.15
CA HIS B 69 -10.04 -10.98 1.19
C HIS B 69 -11.02 -10.15 2.03
N ARG B 70 -10.89 -10.29 3.35
CA ARG B 70 -11.72 -9.51 4.27
C ARG B 70 -11.46 -8.03 4.10
N GLU B 71 -10.20 -7.65 3.84
CA GLU B 71 -9.88 -6.25 3.59
C GLU B 71 -10.67 -5.70 2.41
N THR B 72 -10.89 -6.52 1.38
CA THR B 72 -11.64 -6.07 0.21
C THR B 72 -13.08 -5.75 0.56
N PHE B 73 -13.72 -6.57 1.40
CA PHE B 73 -15.09 -6.30 1.80
C PHE B 73 -15.19 -5.01 2.59
N TYR B 74 -14.32 -4.83 3.59
CA TYR B 74 -14.40 -3.65 4.43
C TYR B 74 -14.01 -2.38 3.69
N LEU B 75 -13.22 -2.50 2.63
CA LEU B 75 -13.03 -1.36 1.73
C LEU B 75 -14.33 -0.99 1.03
N ALA B 76 -15.05 -2.01 0.53
CA ALA B 76 -16.33 -1.75 -0.11
C ALA B 76 -17.35 -1.18 0.86
N GLN B 77 -17.36 -1.68 2.10
CA GLN B 77 -18.26 -1.12 3.11
C GLN B 77 -17.94 0.34 3.39
N ASP B 78 -16.64 0.66 3.52
CA ASP B 78 -16.26 2.04 3.80
C ASP B 78 -16.53 2.94 2.60
N PHE B 79 -16.30 2.43 1.39
CA PHE B 79 -16.62 3.22 0.19
C PHE B 79 -18.11 3.48 0.10
N PHE B 80 -18.93 2.49 0.47
CA PHE B 80 -20.37 2.66 0.40
C PHE B 80 -20.85 3.70 1.42
N ASP B 81 -20.37 3.61 2.66
CA ASP B 81 -20.86 4.50 3.70
C ASP B 81 -20.41 5.94 3.46
N ARG B 82 -19.17 6.15 3.04
CA ARG B 82 -18.68 7.51 2.81
C ARG B 82 -19.29 8.11 1.54
N TYR B 83 -19.65 7.28 0.57
CA TYR B 83 -20.27 7.81 -0.64
C TYR B 83 -21.70 8.27 -0.38
N MET B 84 -22.46 7.48 0.39
CA MET B 84 -23.83 7.89 0.70
C MET B 84 -23.86 9.14 1.57
N ALA B 85 -22.82 9.37 2.36
CA ALA B 85 -22.72 10.61 3.13
C ALA B 85 -22.55 11.83 2.24
N THR B 86 -22.14 11.64 0.98
CA THR B 86 -22.00 12.74 0.04
C THR B 86 -23.21 12.90 -0.86
N GLN B 87 -24.11 11.93 -0.89
CA GLN B 87 -25.28 11.94 -1.76
C GLN B 87 -26.56 12.11 -0.96
N GLU B 88 -27.64 12.40 -1.68
CA GLU B 88 -28.95 12.61 -1.08
C GLU B 88 -30.01 11.91 -1.91
N ASN B 89 -31.02 11.37 -1.23
CA ASN B 89 -32.19 10.76 -1.87
C ASN B 89 -31.80 9.64 -2.82
N VAL B 90 -31.64 8.43 -2.30
CA VAL B 90 -31.30 7.25 -3.09
C VAL B 90 -32.39 6.20 -2.91
N VAL B 91 -32.73 5.52 -3.99
CA VAL B 91 -33.80 4.52 -3.99
C VAL B 91 -33.21 3.15 -3.64
N LYS B 92 -34.08 2.16 -3.45
CA LYS B 92 -33.62 0.82 -3.08
C LYS B 92 -32.93 0.12 -4.24
N THR B 93 -33.48 0.25 -5.45
CA THR B 93 -32.93 -0.46 -6.60
C THR B 93 -31.56 0.08 -7.00
N LEU B 94 -31.19 1.27 -6.53
CA LEU B 94 -29.87 1.83 -6.79
C LEU B 94 -28.82 1.32 -5.80
N LEU B 95 -29.25 0.65 -4.72
CA LEU B 95 -28.30 0.19 -3.70
C LEU B 95 -27.41 -0.93 -4.23
N GLN B 96 -28.00 -1.87 -4.99
CA GLN B 96 -27.22 -3.01 -5.46
C GLN B 96 -26.10 -2.58 -6.40
N LEU B 97 -26.34 -1.54 -7.20
CA LEU B 97 -25.32 -1.06 -8.12
C LEU B 97 -24.19 -0.36 -7.36
N ILE B 98 -24.54 0.44 -6.35
CA ILE B 98 -23.52 1.13 -5.57
C ILE B 98 -22.67 0.14 -4.78
N GLY B 99 -23.31 -0.91 -4.26
CA GLY B 99 -22.56 -1.88 -3.46
C GLY B 99 -21.62 -2.72 -4.30
N ILE B 100 -22.10 -3.23 -5.44
CA ILE B 100 -21.28 -4.10 -6.27
C ILE B 100 -20.16 -3.29 -6.94
N SER B 101 -20.39 -2.00 -7.20
CA SER B 101 -19.33 -1.18 -7.78
C SER B 101 -18.30 -0.77 -6.73
N SER B 102 -18.73 -0.57 -5.48
CA SER B 102 -17.77 -0.36 -4.40
C SER B 102 -16.88 -1.58 -4.22
N LEU B 103 -17.45 -2.78 -4.34
CA LEU B 103 -16.65 -3.99 -4.27
C LEU B 103 -15.75 -4.13 -5.50
N PHE B 104 -16.19 -3.62 -6.65
CA PHE B 104 -15.36 -3.66 -7.85
C PHE B 104 -14.13 -2.77 -7.69
N ILE B 105 -14.33 -1.56 -7.16
CA ILE B 105 -13.19 -0.68 -6.87
C ILE B 105 -12.28 -1.32 -5.83
N ALA B 106 -12.86 -1.93 -4.80
CA ALA B 106 -12.07 -2.51 -3.73
C ALA B 106 -11.29 -3.73 -4.22
N ALA B 107 -11.92 -4.57 -5.06
CA ALA B 107 -11.24 -5.77 -5.54
C ALA B 107 -10.06 -5.43 -6.43
N LYS B 108 -10.20 -4.42 -7.29
CA LYS B 108 -9.08 -4.01 -8.14
C LYS B 108 -7.95 -3.41 -7.32
N LEU B 109 -8.26 -2.82 -6.16
CA LEU B 109 -7.23 -2.21 -5.33
C LEU B 109 -6.47 -3.25 -4.52
N GLU B 110 -7.15 -4.27 -4.01
CA GLU B 110 -6.57 -5.17 -3.03
C GLU B 110 -6.08 -6.49 -3.61
N GLU B 111 -6.81 -7.09 -4.53
CA GLU B 111 -6.48 -8.42 -5.02
C GLU B 111 -5.36 -8.36 -6.06
N ILE B 112 -4.55 -9.43 -6.08
CA ILE B 112 -3.51 -9.54 -7.10
C ILE B 112 -4.12 -9.85 -8.45
N TYR B 113 -5.01 -10.86 -8.49
CA TYR B 113 -5.75 -11.23 -9.70
C TYR B 113 -7.24 -11.07 -9.40
N PRO B 114 -7.76 -9.85 -9.49
CA PRO B 114 -9.17 -9.61 -9.17
C PRO B 114 -10.08 -10.21 -10.22
N PRO B 115 -11.36 -10.39 -9.91
CA PRO B 115 -12.30 -10.88 -10.92
C PRO B 115 -12.54 -9.84 -12.01
N LYS B 116 -13.02 -10.32 -13.15
CA LYS B 116 -13.28 -9.44 -14.28
C LYS B 116 -14.59 -8.68 -14.06
N LEU B 117 -14.81 -7.68 -14.93
CA LEU B 117 -15.99 -6.83 -14.78
C LEU B 117 -17.28 -7.62 -14.97
N HIS B 118 -17.29 -8.54 -15.94
CA HIS B 118 -18.53 -9.27 -16.23
C HIS B 118 -18.93 -10.18 -15.08
N GLN B 119 -17.96 -10.67 -14.30
CA GLN B 119 -18.30 -11.48 -13.14
C GLN B 119 -19.01 -10.65 -12.08
N PHE B 120 -18.61 -9.39 -11.92
CA PHE B 120 -19.32 -8.50 -11.00
C PHE B 120 -20.73 -8.20 -11.50
N ALA B 121 -20.90 -8.11 -12.82
CA ALA B 121 -22.24 -7.97 -13.39
C ALA B 121 -23.00 -9.29 -13.38
N TYR B 122 -22.28 -10.42 -13.29
CA TYR B 122 -22.94 -11.72 -13.33
C TYR B 122 -23.66 -12.03 -12.02
N VAL B 123 -23.03 -11.72 -10.88
CA VAL B 123 -23.63 -12.05 -9.59
C VAL B 123 -24.86 -11.21 -9.28
N THR B 124 -25.09 -10.12 -10.01
CA THR B 124 -26.26 -9.27 -9.80
C THR B 124 -27.53 -9.86 -10.40
N ASP B 125 -27.48 -11.09 -10.91
CA ASP B 125 -28.62 -11.76 -11.53
C ASP B 125 -29.18 -10.94 -12.69
N GLY B 126 -28.30 -10.24 -13.40
CA GLY B 126 -28.71 -9.45 -14.55
C GLY B 126 -29.33 -8.11 -14.23
N ALA B 127 -29.19 -7.63 -13.00
CA ALA B 127 -29.74 -6.34 -12.61
C ALA B 127 -28.75 -5.19 -12.77
N CYS B 128 -27.48 -5.49 -13.04
CA CYS B 128 -26.46 -4.46 -13.20
C CYS B 128 -25.62 -4.79 -14.41
N SER B 129 -25.58 -3.87 -15.38
CA SER B 129 -24.77 -4.07 -16.57
C SER B 129 -23.29 -3.88 -16.24
N GLY B 130 -22.44 -4.41 -17.12
CA GLY B 130 -21.02 -4.15 -17.00
C GLY B 130 -20.69 -2.68 -17.18
N ASP B 131 -21.44 -1.99 -18.03
CA ASP B 131 -21.25 -0.55 -18.22
C ASP B 131 -21.92 0.26 -17.13
N GLU B 132 -22.97 -0.28 -16.51
CA GLU B 132 -23.55 0.38 -15.34
C GLU B 132 -22.57 0.40 -14.18
N ILE B 133 -21.79 -0.67 -14.01
CA ILE B 133 -20.78 -0.71 -12.96
C ILE B 133 -19.66 0.27 -13.26
N LEU B 134 -19.26 0.38 -14.53
CA LEU B 134 -18.20 1.30 -14.91
C LEU B 134 -18.61 2.76 -14.68
N THR B 135 -19.89 3.07 -14.92
CA THR B 135 -20.37 4.41 -14.63
C THR B 135 -20.43 4.66 -13.13
N MET B 136 -20.82 3.65 -12.36
CA MET B 136 -20.96 3.83 -10.92
C MET B 136 -19.60 3.96 -10.23
N GLU B 137 -18.61 3.18 -10.69
CA GLU B 137 -17.29 3.25 -10.06
C GLU B 137 -16.64 4.60 -10.25
N LEU B 138 -16.90 5.26 -11.38
CA LEU B 138 -16.37 6.60 -11.59
C LEU B 138 -17.07 7.62 -10.70
N MET B 139 -18.39 7.50 -10.55
CA MET B 139 -19.12 8.41 -9.68
C MET B 139 -18.72 8.24 -8.22
N ILE B 140 -18.47 7.00 -7.79
CA ILE B 140 -18.07 6.75 -6.41
C ILE B 140 -16.70 7.37 -6.14
N MET B 141 -15.72 7.06 -7.00
CA MET B 141 -14.36 7.55 -6.77
C MET B 141 -14.28 9.07 -6.90
N LYS B 142 -15.09 9.67 -7.76
CA LYS B 142 -15.07 11.13 -7.89
C LYS B 142 -15.77 11.79 -6.71
N ALA B 143 -16.84 11.18 -6.21
CA ALA B 143 -17.54 11.76 -5.06
C ALA B 143 -16.71 11.62 -3.78
N LEU B 144 -15.90 10.58 -3.68
CA LEU B 144 -15.02 10.39 -2.53
C LEU B 144 -13.72 11.18 -2.66
N LYS B 145 -13.60 12.04 -3.67
CA LYS B 145 -12.39 12.82 -3.93
C LYS B 145 -11.17 11.91 -4.06
N TRP B 146 -11.39 10.70 -4.59
CA TRP B 146 -10.34 9.70 -4.82
C TRP B 146 -9.59 9.32 -3.55
N ARG B 147 -10.21 9.52 -2.39
CA ARG B 147 -9.63 9.11 -1.11
C ARG B 147 -10.08 7.68 -0.85
N LEU B 148 -9.31 6.73 -1.37
CA LEU B 148 -9.69 5.31 -1.39
C LEU B 148 -8.71 4.44 -0.61
N SER B 149 -8.01 5.01 0.37
CA SER B 149 -7.03 4.28 1.17
C SER B 149 -7.33 4.42 2.66
N PRO B 150 -8.47 3.91 3.13
CA PRO B 150 -8.79 4.00 4.55
C PRO B 150 -8.21 2.83 5.34
N LEU B 151 -8.15 3.02 6.65
CA LEU B 151 -7.77 1.95 7.58
C LEU B 151 -9.05 1.25 8.00
N THR B 152 -9.34 0.10 7.38
CA THR B 152 -10.60 -0.59 7.58
C THR B 152 -10.71 -1.13 9.00
N ILE B 153 -11.91 -1.61 9.33
CA ILE B 153 -12.14 -2.22 10.64
C ILE B 153 -11.29 -3.47 10.79
N VAL B 154 -11.17 -4.25 9.70
CA VAL B 154 -10.42 -5.50 9.77
C VAL B 154 -8.91 -5.27 9.73
N SER B 155 -8.46 -4.14 9.17
CA SER B 155 -7.03 -3.86 9.17
C SER B 155 -6.51 -3.54 10.56
N TRP B 156 -7.33 -2.92 11.40
CA TRP B 156 -6.94 -2.67 12.78
C TRP B 156 -6.80 -3.97 13.56
N LEU B 157 -7.72 -4.92 13.33
CA LEU B 157 -7.62 -6.21 14.00
C LEU B 157 -6.33 -6.94 13.64
N ASN B 158 -5.85 -6.77 12.41
CA ASN B 158 -4.56 -7.36 12.03
C ASN B 158 -3.42 -6.75 12.85
N VAL B 159 -3.48 -5.44 13.08
CA VAL B 159 -2.46 -4.80 13.91
C VAL B 159 -2.55 -5.29 15.35
N TYR B 160 -3.77 -5.38 15.89
CA TYR B 160 -3.94 -5.78 17.27
C TYR B 160 -3.52 -7.24 17.48
N MET B 161 -3.70 -8.08 16.48
CA MET B 161 -3.31 -9.49 16.60
C MET B 161 -1.80 -9.67 16.51
N GLN B 162 -1.12 -8.80 15.77
CA GLN B 162 0.33 -8.92 15.65
C GLN B 162 1.04 -8.50 16.93
N VAL B 163 0.62 -7.37 17.51
CA VAL B 163 1.24 -6.90 18.74
C VAL B 163 0.96 -7.86 19.90
N ALA B 164 -0.21 -8.49 19.90
CA ALA B 164 -0.53 -9.44 20.96
C ALA B 164 0.43 -10.63 20.95
N TYR B 165 0.84 -11.07 19.77
CA TYR B 165 1.78 -12.18 19.66
C TYR B 165 3.13 -11.68 19.17
N LEU B 166 3.72 -10.74 19.90
CA LEU B 166 5.05 -10.24 19.61
C LEU B 166 6.05 -10.82 20.60
N ASN B 167 7.25 -11.11 20.12
CA ASN B 167 8.34 -11.62 20.93
C ASN B 167 9.39 -10.53 21.09
N ASP B 168 10.58 -10.92 21.55
CA ASP B 168 11.68 -9.96 21.65
C ASP B 168 12.28 -9.64 20.29
N LEU B 169 11.88 -10.33 19.23
CA LEU B 169 12.35 -10.00 17.90
C LEU B 169 11.78 -8.65 17.44
N HIS B 170 10.59 -8.30 17.91
CA HIS B 170 9.92 -7.04 17.58
C HIS B 170 9.73 -6.84 16.09
N GLU B 171 9.72 -7.93 15.31
CA GLU B 171 9.52 -7.84 13.87
C GLU B 171 8.01 -7.74 13.62
N VAL B 172 7.52 -6.51 13.49
CA VAL B 172 6.08 -6.27 13.42
C VAL B 172 5.49 -6.48 12.03
N LEU B 173 6.34 -6.67 11.01
CA LEU B 173 5.84 -6.82 9.65
C LEU B 173 5.65 -8.27 9.21
N LEU B 174 6.28 -9.22 9.89
CA LEU B 174 6.08 -10.63 9.56
C LEU B 174 4.91 -11.16 10.37
N PRO B 175 3.85 -11.68 9.74
CA PRO B 175 2.66 -12.09 10.50
C PRO B 175 2.93 -13.33 11.35
N GLN B 176 2.35 -13.33 12.55
CA GLN B 176 2.50 -14.46 13.47
C GLN B 176 1.43 -14.33 14.55
N TYR B 177 0.33 -15.05 14.38
CA TYR B 177 -0.75 -15.12 15.36
C TYR B 177 -1.70 -16.25 14.96
N PRO B 178 -2.42 -16.81 15.91
CA PRO B 178 -3.35 -17.92 15.58
C PRO B 178 -4.45 -17.46 14.64
N GLN B 179 -4.65 -18.22 13.56
CA GLN B 179 -5.73 -17.94 12.63
C GLN B 179 -7.09 -18.28 13.24
N GLN B 180 -7.11 -19.18 14.22
CA GLN B 180 -8.37 -19.63 14.80
C GLN B 180 -9.09 -18.49 15.52
N ILE B 181 -8.39 -17.80 16.41
CA ILE B 181 -9.04 -16.73 17.16
C ILE B 181 -9.19 -15.46 16.33
N PHE B 182 -8.42 -15.31 15.25
CA PHE B 182 -8.58 -14.14 14.40
C PHE B 182 -9.94 -14.15 13.71
N ILE B 183 -10.33 -15.29 13.15
CA ILE B 183 -11.62 -15.39 12.48
C ILE B 183 -12.77 -15.36 13.48
N GLN B 184 -12.51 -15.66 14.75
CA GLN B 184 -13.56 -15.56 15.76
C GLN B 184 -13.86 -14.11 16.10
N ILE B 185 -12.82 -13.28 16.23
CA ILE B 185 -13.03 -11.86 16.48
C ILE B 185 -13.55 -11.17 15.24
N ALA B 186 -13.06 -11.57 14.06
CA ALA B 186 -13.60 -11.02 12.82
C ALA B 186 -15.06 -11.38 12.65
N GLU B 187 -15.46 -12.57 13.12
CA GLU B 187 -16.87 -12.95 13.08
C GLU B 187 -17.73 -12.00 13.90
N LEU B 188 -17.22 -11.54 15.05
CA LEU B 188 -17.96 -10.56 15.83
C LEU B 188 -18.02 -9.22 15.11
N LEU B 189 -16.94 -8.84 14.42
CA LEU B 189 -16.91 -7.56 13.72
C LEU B 189 -17.81 -7.58 12.48
N ASP B 190 -17.89 -8.74 11.81
CA ASP B 190 -18.77 -8.85 10.65
C ASP B 190 -20.23 -8.63 11.04
N LEU B 191 -20.60 -9.04 12.25
CA LEU B 191 -21.98 -8.82 12.71
C LEU B 191 -22.22 -7.36 13.06
N CYS B 192 -21.27 -6.74 13.77
CA CYS B 192 -21.45 -5.37 14.22
C CYS B 192 -21.47 -4.39 13.06
N VAL B 193 -20.77 -4.69 11.97
CA VAL B 193 -20.72 -3.77 10.84
C VAL B 193 -22.05 -3.71 10.11
N LEU B 194 -22.92 -4.72 10.29
CA LEU B 194 -24.23 -4.68 9.67
C LEU B 194 -25.12 -3.61 10.31
N ASP B 195 -24.89 -3.29 11.58
CA ASP B 195 -25.62 -2.23 12.26
C ASP B 195 -25.00 -0.88 11.92
N VAL B 196 -25.83 0.09 11.55
CA VAL B 196 -25.33 1.37 11.07
C VAL B 196 -24.76 2.19 12.23
N ASP B 197 -25.25 1.99 13.44
CA ASP B 197 -24.81 2.76 14.59
C ASP B 197 -23.36 2.51 14.97
N CYS B 198 -22.65 1.60 14.28
CA CYS B 198 -21.24 1.37 14.59
C CYS B 198 -20.38 2.54 14.13
N LEU B 199 -20.85 3.32 13.16
CA LEU B 199 -20.06 4.43 12.63
C LEU B 199 -19.87 5.54 13.67
N GLU B 200 -20.66 5.53 14.75
CA GLU B 200 -20.43 6.46 15.84
C GLU B 200 -19.03 6.29 16.43
N PHE B 201 -18.55 5.05 16.48
CA PHE B 201 -17.24 4.72 17.02
C PHE B 201 -16.21 4.61 15.90
N PRO B 202 -15.00 5.10 16.14
CA PRO B 202 -13.94 4.96 15.12
C PRO B 202 -13.64 3.50 14.85
N TYR B 203 -13.11 3.24 13.65
CA TYR B 203 -12.81 1.87 13.24
C TYR B 203 -11.82 1.22 14.19
N GLY B 204 -10.82 1.97 14.65
CA GLY B 204 -9.88 1.42 15.61
C GLY B 204 -10.51 1.08 16.94
N ILE B 205 -11.53 1.85 17.34
CA ILE B 205 -12.24 1.55 18.59
C ILE B 205 -13.07 0.28 18.45
N LEU B 206 -13.70 0.10 17.28
CA LEU B 206 -14.56 -1.08 17.08
C LEU B 206 -13.75 -2.36 17.13
N ALA B 207 -12.58 -2.38 16.49
CA ALA B 207 -11.76 -3.60 16.49
C ALA B 207 -11.23 -3.90 17.88
N ALA B 208 -10.80 -2.88 18.63
CA ALA B 208 -10.29 -3.10 19.97
C ALA B 208 -11.38 -3.60 20.90
N SER B 209 -12.61 -3.13 20.71
CA SER B 209 -13.71 -3.58 21.56
C SER B 209 -14.07 -5.03 21.28
N ALA B 210 -13.95 -5.48 20.03
CA ALA B 210 -14.22 -6.88 19.71
C ALA B 210 -13.13 -7.79 20.25
N LEU B 211 -11.87 -7.33 20.21
CA LEU B 211 -10.78 -8.10 20.79
C LEU B 211 -10.91 -8.19 22.31
N TYR B 212 -11.40 -7.13 22.94
CA TYR B 212 -11.60 -7.16 24.39
C TYR B 212 -12.60 -8.24 24.79
N HIS B 213 -13.68 -8.40 24.02
CA HIS B 213 -14.68 -9.39 24.35
C HIS B 213 -14.17 -10.81 24.23
N PHE B 214 -13.10 -11.04 23.47
CA PHE B 214 -12.49 -12.35 23.34
C PHE B 214 -11.21 -12.48 24.16
N SER B 215 -10.90 -11.50 25.00
CA SER B 215 -9.70 -11.56 25.83
C SER B 215 -9.89 -10.77 27.11
N SER B 216 -9.21 -9.63 27.24
CA SER B 216 -9.27 -8.82 28.44
C SER B 216 -8.92 -7.39 28.10
N SER B 217 -9.15 -6.49 29.06
CA SER B 217 -8.80 -5.09 28.88
C SER B 217 -7.29 -4.86 28.95
N GLU B 218 -6.56 -5.75 29.61
CA GLU B 218 -5.10 -5.62 29.67
C GLU B 218 -4.49 -5.91 28.31
N LEU B 219 -4.88 -7.01 27.68
CA LEU B 219 -4.39 -7.31 26.34
C LEU B 219 -4.86 -6.27 25.33
N MET B 220 -6.09 -5.76 25.51
CA MET B 220 -6.61 -4.73 24.62
C MET B 220 -5.73 -3.49 24.67
N GLN B 221 -5.47 -2.97 25.87
CA GLN B 221 -4.67 -1.76 26.01
C GLN B 221 -3.23 -1.99 25.61
N LYS B 222 -2.72 -3.22 25.77
CA LYS B 222 -1.34 -3.51 25.41
C LYS B 222 -1.14 -3.44 23.90
N VAL B 223 -2.15 -3.82 23.12
CA VAL B 223 -2.01 -3.93 21.68
C VAL B 223 -2.74 -2.83 20.92
N SER B 224 -3.63 -2.08 21.57
CA SER B 224 -4.35 -1.01 20.90
C SER B 224 -3.93 0.38 21.35
N GLY B 225 -3.35 0.51 22.55
CA GLY B 225 -2.97 1.80 23.08
C GLY B 225 -4.10 2.61 23.65
N TYR B 226 -5.35 2.18 23.48
CA TYR B 226 -6.50 2.92 23.97
C TYR B 226 -6.84 2.47 25.40
N GLN B 227 -7.10 3.45 26.26
CA GLN B 227 -7.48 3.15 27.63
C GLN B 227 -8.88 2.56 27.67
N TRP B 228 -9.25 2.00 28.84
CA TRP B 228 -10.56 1.37 28.98
C TRP B 228 -11.69 2.37 28.77
N CYS B 229 -11.49 3.61 29.21
CA CYS B 229 -12.54 4.62 29.06
C CYS B 229 -12.78 5.00 27.61
N ASP B 230 -11.80 4.78 26.73
CA ASP B 230 -12.00 5.10 25.31
C ASP B 230 -12.94 4.13 24.63
N ILE B 231 -12.96 2.87 25.08
CA ILE B 231 -13.76 1.83 24.43
C ILE B 231 -14.97 1.42 25.26
N GLU B 232 -15.15 1.99 26.46
CA GLU B 232 -16.24 1.57 27.31
C GLU B 232 -17.59 1.81 26.64
N ASN B 233 -17.76 2.96 26.00
CA ASN B 233 -19.01 3.24 25.29
C ASN B 233 -19.23 2.27 24.15
N CYS B 234 -18.15 1.89 23.46
CA CYS B 234 -18.27 0.95 22.35
C CYS B 234 -18.46 -0.47 22.86
N VAL B 235 -17.75 -0.84 23.92
CA VAL B 235 -17.92 -2.18 24.50
C VAL B 235 -19.35 -2.36 24.98
N LYS B 236 -19.91 -1.34 25.64
CA LYS B 236 -21.30 -1.44 26.10
C LYS B 236 -22.27 -1.55 24.94
N TRP B 237 -21.97 -0.89 23.81
CA TRP B 237 -22.83 -1.02 22.64
C TRP B 237 -22.64 -2.37 21.96
N MET B 238 -21.41 -2.88 21.93
CA MET B 238 -21.11 -4.19 21.37
C MET B 238 -21.60 -5.33 22.26
N VAL B 239 -22.16 -5.02 23.42
CA VAL B 239 -22.59 -6.07 24.36
C VAL B 239 -23.54 -7.08 23.72
N PRO B 240 -24.66 -6.67 23.09
CA PRO B 240 -25.58 -7.69 22.54
C PRO B 240 -24.97 -8.51 21.43
N PHE B 241 -24.12 -7.92 20.59
CA PHE B 241 -23.50 -8.67 19.50
C PHE B 241 -22.51 -9.71 20.01
N ALA B 242 -21.84 -9.43 21.12
CA ALA B 242 -20.83 -10.35 21.63
C ALA B 242 -21.46 -11.63 22.18
N MET B 243 -22.58 -11.50 22.91
CA MET B 243 -23.21 -12.68 23.49
C MET B 243 -23.91 -13.53 22.45
N VAL B 244 -24.44 -12.92 21.39
CA VAL B 244 -25.06 -13.68 20.31
C VAL B 244 -24.04 -14.62 19.69
N ILE B 245 -22.80 -14.16 19.54
CA ILE B 245 -21.73 -15.03 19.06
C ILE B 245 -21.37 -16.06 20.13
N ARG B 246 -21.41 -15.67 21.40
CA ARG B 246 -21.09 -16.61 22.47
C ARG B 246 -22.18 -17.67 22.64
N GLU B 247 -23.44 -17.30 22.38
CA GLU B 247 -24.52 -18.26 22.53
C GLU B 247 -24.47 -19.34 21.46
N THR B 248 -24.09 -18.98 20.24
CA THR B 248 -24.01 -19.94 19.14
C THR B 248 -22.66 -20.63 19.07
N GLY B 249 -21.61 -20.03 19.61
CA GLY B 249 -20.29 -20.60 19.58
C GLY B 249 -19.38 -19.92 18.57
N SER B 250 -18.10 -20.24 18.66
CA SER B 250 -17.08 -19.69 17.77
C SER B 250 -16.91 -20.58 16.55
N SER B 251 -16.88 -19.96 15.37
CA SER B 251 -16.77 -20.73 14.14
C SER B 251 -15.37 -21.30 13.97
N LYS B 252 -15.25 -22.29 13.08
CA LYS B 252 -14.00 -22.96 12.78
C LYS B 252 -13.34 -22.34 11.56
N LEU B 253 -12.02 -22.52 11.47
CA LEU B 253 -11.27 -22.00 10.35
C LEU B 253 -11.54 -22.83 9.10
N LYS B 254 -11.84 -22.16 8.00
CA LYS B 254 -12.13 -22.82 6.74
C LYS B 254 -10.88 -22.93 5.88
N HIS B 255 -10.82 -24.00 5.09
CA HIS B 255 -9.83 -24.13 4.03
C HIS B 255 -10.49 -23.86 2.68
N PHE B 256 -9.81 -23.09 1.85
CA PHE B 256 -10.33 -22.68 0.56
C PHE B 256 -9.43 -23.19 -0.55
N ARG B 257 -10.04 -23.80 -1.57
CA ARG B 257 -9.28 -24.36 -2.69
C ARG B 257 -8.52 -23.25 -3.41
N GLY B 258 -7.21 -23.47 -3.59
CA GLY B 258 -6.36 -22.50 -4.22
C GLY B 258 -5.77 -21.47 -3.27
N VAL B 259 -6.28 -21.36 -2.05
CA VAL B 259 -5.79 -20.42 -1.06
C VAL B 259 -4.88 -21.19 -0.10
N ALA B 260 -3.64 -20.72 0.03
CA ALA B 260 -2.71 -21.36 0.96
C ALA B 260 -3.22 -21.23 2.40
N ASP B 261 -2.92 -22.25 3.20
CA ASP B 261 -3.43 -22.28 4.57
C ASP B 261 -2.84 -21.17 5.43
N GLU B 262 -1.62 -20.71 5.10
CA GLU B 262 -1.02 -19.59 5.81
C GLU B 262 -1.69 -18.26 5.47
N ASP B 263 -2.74 -18.28 4.64
CA ASP B 263 -3.52 -17.08 4.33
C ASP B 263 -5.02 -17.37 4.37
N ALA B 264 -5.42 -18.53 4.88
CA ALA B 264 -6.83 -18.92 4.85
C ALA B 264 -7.69 -18.04 5.75
N HIS B 265 -7.09 -17.46 6.80
CA HIS B 265 -7.86 -16.62 7.72
C HIS B 265 -8.21 -15.27 7.11
N ASN B 266 -7.48 -14.82 6.10
CA ASN B 266 -7.72 -13.53 5.47
C ASN B 266 -8.86 -13.56 4.46
N ILE B 267 -9.45 -14.72 4.21
CA ILE B 267 -10.53 -14.85 3.23
C ILE B 267 -11.86 -14.53 3.91
N GLN B 268 -12.66 -13.69 3.27
CA GLN B 268 -13.96 -13.32 3.82
C GLN B 268 -14.90 -14.51 3.81
N THR B 269 -15.54 -14.77 4.94
CA THR B 269 -16.51 -15.85 5.09
C THR B 269 -17.92 -15.27 5.17
N HIS B 270 -18.90 -16.15 5.29
CA HIS B 270 -20.30 -15.73 5.37
C HIS B 270 -21.13 -16.83 6.01
N ARG B 271 -21.90 -16.45 7.02
CA ARG B 271 -22.93 -17.30 7.61
C ARG B 271 -24.28 -16.62 7.40
N ASP B 272 -25.32 -17.19 8.00
CA ASP B 272 -26.64 -16.56 8.00
C ASP B 272 -26.75 -15.60 9.18
N SER B 273 -25.87 -14.60 9.17
CA SER B 273 -25.74 -13.66 10.27
C SER B 273 -26.86 -12.64 10.33
N LEU B 274 -27.76 -12.61 9.35
CA LEU B 274 -28.88 -11.67 9.40
C LEU B 274 -29.85 -12.03 10.51
N ASP B 275 -29.99 -13.32 10.81
CA ASP B 275 -30.82 -13.74 11.94
C ASP B 275 -30.18 -13.34 13.26
N LEU B 276 -28.85 -13.44 13.35
CA LEU B 276 -28.14 -13.07 14.58
C LEU B 276 -28.16 -11.58 14.83
N LEU B 277 -28.32 -10.76 13.78
CA LEU B 277 -28.34 -9.31 13.97
C LEU B 277 -29.60 -8.86 14.68
N ASP B 278 -30.73 -9.54 14.46
CA ASP B 278 -31.99 -9.13 15.07
C ASP B 278 -32.01 -9.43 16.57
N LYS B 279 -31.34 -10.50 17.00
CA LYS B 279 -31.31 -10.84 18.41
C LYS B 279 -30.53 -9.83 19.25
N ALA B 280 -29.66 -9.04 18.62
CA ALA B 280 -28.88 -8.03 19.31
C ALA B 280 -29.62 -6.71 19.46
N ARG B 281 -30.90 -6.65 19.08
CA ARG B 281 -31.65 -5.41 19.19
C ARG B 281 -32.16 -5.18 20.61
N ALA B 282 -32.55 -6.24 21.30
CA ALA B 282 -33.05 -6.12 22.67
C ALA B 282 -31.89 -5.88 23.64
C11 A1CAG C . 4.72 13.06 -14.43
C12 A1CAG C . 5.01 12.10 -13.30
C13 A1CAG C . 6.00 13.83 -14.88
C14 A1CAG C . 7.08 13.49 -15.73
C15 A1CAG C . 8.02 14.59 -15.82
C17 A1CAG C . 9.84 13.63 -17.46
C18 A1CAG C . 11.24 13.80 -18.28
C19 A1CAG C . 11.19 13.46 -19.84
C20 A1CAG C . 10.76 14.58 -20.83
C21 A1CAG C . 10.36 15.87 -20.38
C23 A1CAG C . 9.96 16.71 -22.53
C24 A1CAG C . 10.34 15.48 -23.11
C25 A1CAG C . 10.73 14.44 -22.25
C01 A1CAG C . 7.18 9.35 -17.63
C02 A1CAG C . 7.60 8.59 -16.35
C03 A1CAG C . 8.73 9.22 -15.56
C04 A1CAG C . 9.04 8.03 -16.40
C06 A1CAG C . 5.68 8.49 -14.67
C08 A1CAG C . 4.73 10.59 -13.76
C09 A1CAG C . 3.71 10.75 -14.84
C10 A1CAG C . 4.03 12.12 -15.49
N05 A1CAG C . 6.59 7.80 -15.58
N16 A1CAG C . 9.28 14.69 -16.59
N22 A1CAG C . 9.97 16.90 -21.18
N27 A1CAG C . 7.48 15.61 -15.02
N28 A1CAG C . 6.29 15.13 -14.49
O07 A1CAG C . 5.87 9.91 -14.40
O26 A1CAG C . 9.24 12.61 -17.59
O29 A1CAG C . 4.78 7.95 -14.10
#